data_6W9H
#
_entry.id   6W9H
#
_cell.length_a   61.729
_cell.length_b   61.729
_cell.length_c   155.778
_cell.angle_alpha   90.000
_cell.angle_beta   90.000
_cell.angle_gamma   90.000
#
_symmetry.space_group_name_H-M   'P 41 21 2'
#
loop_
_entity.id
_entity.type
_entity.pdbx_description
1 polymer 'Nuclear receptor ROR-gamma, Steroid receptor coactivator 1 fusion'
2 non-polymer 4-{(3R)-3-[4-(benzyloxy)phenyl]-3-[(4-fluorophenyl)sulfonyl]pyrrolidine-1-carbonyl}-1lambda~6~-thiane-1,1-dione
3 water water
#
_entity_poly.entity_id   1
_entity_poly.type   'polypeptide(L)'
_entity_poly.pdbx_seq_one_letter_code
;MGSSHHHHHHSSGLVPRGSHMASLTEIEHLVQSVCKSYRETCQLRLEDLLRQRSNIFSREEVTGYQRKSMWEMWERCAHH
LTEAIQYVVEFAKRLSGFMELCQNDQIVLLKAGAMEVVLVRMCRAYNADNRTVFFEGKYGGMELFRALGCSELISSIFDF
SHSLSALHFSEDEIALYTALVLINAHRPGLQEKRKVEQLQYNLELAFHHHLCKTHRQSILAKLPPKGKLRSLCSQHVERL
QIFQHLHPIVVQAAFPPLYKELFSTSGGSGGLTERHKILHRLLQE
;
_entity_poly.pdbx_strand_id   A
#
# COMPACT_ATOMS: atom_id res chain seq x y z
N MET A 21 -25.95 3.70 -16.78
CA MET A 21 -25.77 3.91 -15.35
C MET A 21 -24.69 4.96 -15.06
N ALA A 22 -24.83 5.68 -13.95
CA ALA A 22 -23.91 6.72 -13.48
C ALA A 22 -23.68 7.86 -14.48
N SER A 23 -24.23 9.04 -14.19
CA SER A 23 -24.12 10.27 -14.99
C SER A 23 -22.88 11.09 -14.52
N LEU A 24 -22.62 12.24 -15.13
CA LEU A 24 -21.46 13.06 -14.79
C LEU A 24 -21.46 13.58 -13.37
N THR A 25 -22.65 13.97 -12.88
CA THR A 25 -22.79 14.53 -11.53
C THR A 25 -22.55 13.43 -10.46
N GLU A 26 -22.91 12.16 -10.77
CA GLU A 26 -22.67 11.01 -9.87
C GLU A 26 -21.18 10.62 -9.88
N ILE A 27 -20.51 10.74 -11.06
CA ILE A 27 -19.08 10.46 -11.21
C ILE A 27 -18.28 11.53 -10.45
N GLU A 28 -18.66 12.81 -10.57
CA GLU A 28 -17.98 13.87 -9.81
C GLU A 28 -18.14 13.67 -8.31
N HIS A 29 -19.32 13.21 -7.88
CA HIS A 29 -19.57 12.96 -6.45
C HIS A 29 -18.70 11.80 -5.98
N LEU A 30 -18.57 10.75 -6.81
CA LEU A 30 -17.75 9.59 -6.51
C LEU A 30 -16.29 10.01 -6.33
N VAL A 31 -15.80 10.97 -7.14
CA VAL A 31 -14.43 11.49 -7.04
C VAL A 31 -14.21 12.04 -5.61
N GLN A 32 -15.13 12.89 -5.17
CA GLN A 32 -15.03 13.55 -3.90
C GLN A 32 -15.18 12.63 -2.71
N SER A 33 -16.04 11.59 -2.81
CA SER A 33 -16.14 10.66 -1.69
C SER A 33 -14.87 9.80 -1.57
N VAL A 34 -14.23 9.43 -2.71
CA VAL A 34 -12.99 8.62 -2.68
C VAL A 34 -11.87 9.45 -2.08
N CYS A 35 -11.77 10.71 -2.52
CA CYS A 35 -10.79 11.65 -1.99
C CYS A 35 -10.96 11.91 -0.50
N LYS A 36 -12.21 12.04 -0.04
CA LYS A 36 -12.49 12.26 1.37
C LYS A 36 -12.09 11.02 2.19
N SER A 37 -12.48 9.81 1.72
CA SER A 37 -12.18 8.53 2.39
C SER A 37 -10.69 8.33 2.55
N TYR A 38 -9.92 8.72 1.53
CA TYR A 38 -8.49 8.63 1.57
C TYR A 38 -7.92 9.62 2.57
N ARG A 39 -8.32 10.92 2.54
CA ARG A 39 -7.80 11.89 3.53
C ARG A 39 -8.03 11.45 4.98
N GLU A 40 -9.17 10.81 5.26
CA GLU A 40 -9.58 10.32 6.57
C GLU A 40 -8.77 9.10 7.05
N THR A 41 -8.11 8.39 6.13
CA THR A 41 -7.42 7.15 6.47
C THR A 41 -5.99 7.11 5.91
N CYS A 42 -5.40 8.26 5.55
CA CYS A 42 -4.10 8.30 4.88
C CYS A 42 -2.90 8.03 5.80
N GLN A 43 -3.15 7.84 7.13
CA GLN A 43 -2.18 7.52 8.17
C GLN A 43 -1.32 8.75 8.54
N LEU A 44 -0.38 9.17 7.71
CA LEU A 44 0.43 10.35 7.99
C LEU A 44 0.08 11.41 7.00
N ARG A 45 -0.06 12.66 7.47
CA ARG A 45 -0.38 13.77 6.58
C ARG A 45 0.81 14.01 5.66
N LEU A 46 0.55 14.41 4.40
CA LEU A 46 1.65 14.68 3.46
C LEU A 46 2.58 15.78 3.97
N GLU A 47 2.00 16.85 4.56
CA GLU A 47 2.75 17.97 5.14
C GLU A 47 3.72 17.47 6.23
N ASP A 48 3.25 16.55 7.10
CA ASP A 48 4.06 15.97 8.15
C ASP A 48 5.26 15.24 7.59
N LEU A 49 5.05 14.45 6.50
CA LEU A 49 6.16 13.71 5.87
C LEU A 49 7.13 14.64 5.17
N LEU A 50 6.65 15.74 4.59
CA LEU A 50 7.53 16.68 3.90
C LEU A 50 8.34 17.51 4.87
N ARG A 51 7.72 17.99 5.97
CA ARG A 51 8.40 18.81 6.98
C ARG A 51 9.52 18.06 7.74
N GLN A 52 9.57 16.70 7.61
CA GLN A 52 10.55 15.80 8.22
C GLN A 52 11.72 15.45 7.28
N ARG A 53 11.72 15.92 6.01
CA ARG A 53 12.71 15.52 5.01
C ARG A 53 14.18 15.78 5.37
N SER A 54 14.42 16.84 6.12
CA SER A 54 15.77 17.23 6.58
C SER A 54 16.24 16.40 7.81
N ASN A 55 15.29 15.70 8.47
CA ASN A 55 15.54 14.80 9.60
C ASN A 55 15.94 13.41 9.06
N ILE A 56 17.24 13.21 8.84
CA ILE A 56 17.84 12.01 8.26
C ILE A 56 18.69 11.25 9.28
N PHE A 57 18.66 9.91 9.26
CA PHE A 57 19.48 9.09 10.14
C PHE A 57 20.97 9.33 9.93
N SER A 58 21.72 9.53 11.03
CA SER A 58 23.18 9.69 10.99
C SER A 58 23.85 8.36 10.65
N ARG A 59 25.12 8.37 10.19
CA ARG A 59 25.85 7.15 9.85
C ARG A 59 25.92 6.15 11.03
N GLU A 60 25.95 6.68 12.27
CA GLU A 60 25.97 5.86 13.48
C GLU A 60 24.60 5.18 13.67
N GLU A 61 23.52 5.90 13.36
CA GLU A 61 22.18 5.34 13.46
C GLU A 61 21.93 4.28 12.37
N VAL A 62 22.48 4.49 11.17
CA VAL A 62 22.38 3.54 10.07
C VAL A 62 23.15 2.26 10.43
N THR A 63 24.36 2.41 11.02
CA THR A 63 25.18 1.30 11.48
C THR A 63 24.44 0.50 12.57
N GLY A 64 23.73 1.21 13.46
CA GLY A 64 22.89 0.59 14.47
C GLY A 64 21.82 -0.31 13.87
N TYR A 65 21.15 0.12 12.78
CA TYR A 65 20.16 -0.72 12.10
C TYR A 65 20.82 -1.92 11.43
N GLN A 66 21.95 -1.70 10.75
CA GLN A 66 22.67 -2.78 10.09
C GLN A 66 23.14 -3.84 11.06
N ARG A 67 23.51 -3.42 12.29
CA ARG A 67 23.98 -4.29 13.35
C ARG A 67 22.85 -5.02 14.08
N LYS A 68 21.56 -4.61 13.91
CA LYS A 68 20.41 -5.32 14.50
C LYS A 68 20.29 -6.73 13.92
N SER A 69 19.61 -7.62 14.63
CA SER A 69 19.49 -8.99 14.13
C SER A 69 18.45 -9.02 13.01
N MET A 70 18.57 -10.02 12.11
CA MET A 70 17.64 -10.20 11.01
C MET A 70 16.19 -10.36 11.53
N TRP A 71 15.98 -11.21 12.55
CA TRP A 71 14.64 -11.44 13.08
C TRP A 71 14.05 -10.16 13.73
N GLU A 72 14.86 -9.33 14.39
CA GLU A 72 14.35 -8.07 14.96
C GLU A 72 13.92 -7.10 13.88
N MET A 73 14.70 -7.03 12.80
CA MET A 73 14.34 -6.17 11.69
C MET A 73 13.09 -6.65 10.98
N TRP A 74 12.96 -7.97 10.80
CA TRP A 74 11.81 -8.58 10.16
C TRP A 74 10.55 -8.31 10.99
N GLU A 75 10.66 -8.41 12.31
CA GLU A 75 9.56 -8.13 13.21
C GLU A 75 9.17 -6.64 13.18
N ARG A 76 10.15 -5.71 13.16
CA ARG A 76 9.82 -4.28 13.08
C ARG A 76 9.13 -3.92 11.76
N CYS A 77 9.61 -4.44 10.64
CA CYS A 77 9.01 -4.18 9.34
C CYS A 77 7.62 -4.78 9.22
N ALA A 78 7.41 -6.02 9.71
CA ALA A 78 6.11 -6.67 9.69
C ALA A 78 5.11 -5.92 10.59
N HIS A 79 5.61 -5.33 11.69
CA HIS A 79 4.81 -4.48 12.56
C HIS A 79 4.40 -3.20 11.82
N HIS A 80 5.33 -2.53 11.12
CA HIS A 80 5.00 -1.28 10.42
C HIS A 80 4.05 -1.50 9.26
N LEU A 81 4.18 -2.64 8.57
CA LEU A 81 3.33 -3.00 7.47
C LEU A 81 1.89 -3.24 7.98
N THR A 82 1.76 -3.95 9.11
CA THR A 82 0.48 -4.26 9.73
C THR A 82 -0.27 -3.00 10.08
N GLU A 83 0.40 -2.01 10.70
CA GLU A 83 -0.22 -0.72 11.04
C GLU A 83 -0.74 -0.03 9.79
N ALA A 84 0.09 0.06 8.72
CA ALA A 84 -0.27 0.70 7.46
C ALA A 84 -1.46 -0.02 6.80
N ILE A 85 -1.50 -1.37 6.86
CA ILE A 85 -2.59 -2.18 6.33
C ILE A 85 -3.90 -1.94 7.12
N GLN A 86 -3.81 -1.66 8.42
CA GLN A 86 -5.00 -1.36 9.22
C GLN A 86 -5.68 -0.07 8.73
N TYR A 87 -4.89 0.90 8.25
CA TYR A 87 -5.45 2.13 7.66
C TYR A 87 -6.08 1.84 6.27
N VAL A 88 -5.46 0.89 5.53
CA VAL A 88 -5.97 0.48 4.23
C VAL A 88 -7.33 -0.22 4.42
N VAL A 89 -7.49 -1.06 5.46
CA VAL A 89 -8.76 -1.71 5.76
C VAL A 89 -9.83 -0.64 6.03
N GLU A 90 -9.48 0.38 6.83
CA GLU A 90 -10.39 1.51 7.11
C GLU A 90 -10.75 2.31 5.82
N PHE A 91 -9.80 2.49 4.88
CA PHE A 91 -10.05 3.17 3.59
C PHE A 91 -11.10 2.36 2.80
N ALA A 92 -10.93 1.00 2.75
CA ALA A 92 -11.86 0.11 2.06
C ALA A 92 -13.26 0.21 2.68
N LYS A 93 -13.37 0.17 4.01
CA LYS A 93 -14.65 0.26 4.68
C LYS A 93 -15.39 1.58 4.39
N ARG A 94 -14.64 2.67 4.21
CA ARG A 94 -15.22 3.97 3.86
C ARG A 94 -15.47 4.17 2.37
N LEU A 95 -14.99 3.26 1.54
CA LEU A 95 -15.12 3.32 0.12
C LEU A 95 -16.52 2.93 -0.31
N SER A 96 -17.18 3.80 -1.09
CA SER A 96 -18.52 3.63 -1.64
C SER A 96 -18.66 2.27 -2.34
N GLY A 97 -19.62 1.45 -1.92
CA GLY A 97 -19.83 0.15 -2.55
C GLY A 97 -19.09 -1.03 -1.95
N PHE A 98 -17.94 -0.81 -1.28
CA PHE A 98 -17.18 -1.91 -0.71
C PHE A 98 -17.92 -2.67 0.38
N MET A 99 -18.55 -1.96 1.33
CA MET A 99 -19.30 -2.66 2.40
C MET A 99 -20.54 -3.38 1.87
N GLU A 100 -21.05 -2.98 0.70
CA GLU A 100 -22.20 -3.56 -0.01
C GLU A 100 -21.84 -4.96 -0.59
N LEU A 101 -20.55 -5.21 -0.89
CA LEU A 101 -20.12 -6.53 -1.39
C LEU A 101 -20.25 -7.56 -0.25
N CYS A 102 -20.26 -8.86 -0.58
CA CYS A 102 -20.31 -9.90 0.45
C CYS A 102 -18.98 -9.96 1.22
N GLN A 103 -18.98 -10.53 2.44
CA GLN A 103 -17.77 -10.63 3.26
C GLN A 103 -16.65 -11.40 2.54
N ASN A 104 -16.98 -12.47 1.81
CA ASN A 104 -15.98 -13.25 1.10
C ASN A 104 -15.26 -12.37 0.07
N ASP A 105 -16.00 -11.51 -0.63
CA ASP A 105 -15.43 -10.65 -1.65
C ASP A 105 -14.58 -9.54 -1.04
N GLN A 106 -15.02 -8.97 0.07
CA GLN A 106 -14.31 -7.95 0.85
C GLN A 106 -12.96 -8.50 1.31
N ILE A 107 -12.95 -9.75 1.79
CA ILE A 107 -11.75 -10.39 2.29
C ILE A 107 -10.82 -10.74 1.15
N VAL A 108 -11.36 -11.24 0.03
CA VAL A 108 -10.54 -11.54 -1.15
C VAL A 108 -9.85 -10.27 -1.66
N LEU A 109 -10.60 -9.19 -1.75
CA LEU A 109 -10.06 -7.94 -2.25
C LEU A 109 -9.00 -7.38 -1.31
N LEU A 110 -9.22 -7.49 0.02
CA LEU A 110 -8.25 -6.99 0.99
C LEU A 110 -7.01 -7.86 1.07
N LYS A 111 -7.16 -9.20 1.02
CA LYS A 111 -6.04 -10.13 1.08
C LYS A 111 -5.10 -9.91 -0.08
N ALA A 112 -5.65 -9.69 -1.27
CA ALA A 112 -4.85 -9.48 -2.46
C ALA A 112 -4.39 -8.04 -2.70
N GLY A 113 -5.12 -7.05 -2.21
CA GLY A 113 -4.81 -5.66 -2.52
C GLY A 113 -4.32 -4.76 -1.40
N ALA A 114 -4.40 -5.19 -0.13
CA ALA A 114 -3.93 -4.35 0.98
C ALA A 114 -2.43 -4.01 0.85
N MET A 115 -1.59 -5.00 0.55
CA MET A 115 -0.14 -4.80 0.40
C MET A 115 0.15 -3.90 -0.80
N GLU A 116 -0.62 -4.09 -1.90
CA GLU A 116 -0.51 -3.30 -3.13
C GLU A 116 -0.83 -1.82 -2.87
N VAL A 117 -1.88 -1.54 -2.08
CA VAL A 117 -2.26 -0.19 -1.71
C VAL A 117 -1.15 0.45 -0.87
N VAL A 118 -0.59 -0.29 0.07
CA VAL A 118 0.52 0.18 0.89
C VAL A 118 1.77 0.53 0.01
N LEU A 119 2.08 -0.33 -0.97
CA LEU A 119 3.19 -0.10 -1.88
C LEU A 119 3.04 1.18 -2.68
N VAL A 120 1.78 1.59 -3.02
CA VAL A 120 1.51 2.84 -3.74
C VAL A 120 1.59 4.02 -2.73
N ARG A 121 0.89 3.90 -1.57
CA ARG A 121 0.87 4.89 -0.50
C ARG A 121 2.29 5.27 -0.02
N MET A 122 3.20 4.33 -0.05
CA MET A 122 4.59 4.47 0.37
C MET A 122 5.41 5.55 -0.38
N CYS A 123 4.98 5.94 -1.62
CA CYS A 123 5.71 6.96 -2.36
C CYS A 123 5.60 8.34 -1.70
N ARG A 124 4.58 8.57 -0.86
CA ARG A 124 4.43 9.83 -0.12
C ARG A 124 5.56 10.01 0.94
N ALA A 125 6.09 8.88 1.43
CA ALA A 125 7.15 8.78 2.41
C ALA A 125 8.53 8.59 1.77
N TYR A 126 8.65 8.73 0.46
CA TYR A 126 9.89 8.57 -0.24
C TYR A 126 10.38 9.93 -0.80
N ASN A 127 11.62 10.28 -0.51
CA ASN A 127 12.28 11.49 -0.98
C ASN A 127 13.14 11.05 -2.17
N ALA A 128 12.78 11.47 -3.40
CA ALA A 128 13.55 11.07 -4.59
C ALA A 128 14.89 11.79 -4.73
N ASP A 129 15.05 12.95 -4.06
CA ASP A 129 16.28 13.75 -4.09
C ASP A 129 17.44 12.98 -3.49
N ASN A 130 17.27 12.37 -2.29
CA ASN A 130 18.33 11.58 -1.69
C ASN A 130 18.07 10.06 -1.67
N ARG A 131 16.93 9.60 -2.24
CA ARG A 131 16.56 8.19 -2.32
C ARG A 131 16.34 7.56 -0.93
N THR A 132 15.65 8.30 -0.05
CA THR A 132 15.40 7.86 1.31
C THR A 132 13.92 7.68 1.55
N VAL A 133 13.61 6.85 2.53
CA VAL A 133 12.26 6.56 2.94
C VAL A 133 12.10 6.97 4.42
N PHE A 134 10.88 7.41 4.82
CA PHE A 134 10.62 7.80 6.20
C PHE A 134 10.35 6.51 6.99
N PHE A 135 11.21 6.22 7.98
CA PHE A 135 11.11 5.00 8.75
C PHE A 135 11.45 5.25 10.19
N GLU A 136 10.51 5.04 11.09
CA GLU A 136 10.76 5.18 12.53
C GLU A 136 11.29 6.55 12.91
N GLY A 137 10.63 7.59 12.42
CA GLY A 137 10.94 8.97 12.78
C GLY A 137 11.94 9.76 11.97
N LYS A 138 12.71 9.08 11.11
CA LYS A 138 13.72 9.77 10.30
C LYS A 138 13.82 9.15 8.91
N TYR A 139 14.47 9.85 7.98
CA TYR A 139 14.67 9.36 6.63
C TYR A 139 15.95 8.55 6.51
N GLY A 140 15.88 7.45 5.79
CA GLY A 140 17.06 6.62 5.57
C GLY A 140 17.01 5.89 4.25
N GLY A 141 18.18 5.65 3.68
CA GLY A 141 18.31 4.96 2.41
C GLY A 141 18.18 3.46 2.52
N MET A 142 18.33 2.76 1.40
CA MET A 142 18.22 1.31 1.28
C MET A 142 19.08 0.57 2.31
N GLU A 143 20.29 1.07 2.55
CA GLU A 143 21.27 0.48 3.46
C GLU A 143 20.76 0.32 4.90
N LEU A 144 19.72 1.05 5.28
CA LEU A 144 19.10 0.93 6.61
C LEU A 144 18.51 -0.49 6.84
N PHE A 145 18.10 -1.15 5.76
CA PHE A 145 17.43 -2.45 5.73
C PHE A 145 18.32 -3.61 5.41
N ARG A 146 19.65 -3.43 5.40
CA ARG A 146 20.62 -4.48 5.09
C ARG A 146 20.53 -5.73 6.00
N ALA A 147 20.14 -5.57 7.27
CA ALA A 147 20.01 -6.72 8.17
C ALA A 147 18.91 -7.68 7.79
N LEU A 148 17.92 -7.24 6.97
CA LEU A 148 16.83 -8.11 6.55
C LEU A 148 17.30 -9.29 5.73
N GLY A 149 18.40 -9.13 4.99
CA GLY A 149 18.90 -10.17 4.11
C GLY A 149 17.97 -10.43 2.95
N CYS A 150 17.38 -9.35 2.42
CA CYS A 150 16.51 -9.48 1.26
C CYS A 150 16.63 -8.22 0.37
N SER A 151 17.87 -8.01 -0.06
CA SER A 151 18.30 -6.89 -0.88
C SER A 151 17.54 -6.74 -2.18
N GLU A 152 17.20 -7.87 -2.85
CA GLU A 152 16.45 -7.78 -4.11
C GLU A 152 15.07 -7.18 -3.87
N LEU A 153 14.33 -7.67 -2.85
CA LEU A 153 13.02 -7.13 -2.47
C LEU A 153 13.13 -5.63 -2.08
N ILE A 154 14.13 -5.26 -1.24
CA ILE A 154 14.31 -3.88 -0.83
C ILE A 154 14.55 -2.96 -2.02
N SER A 155 15.47 -3.35 -2.95
CA SER A 155 15.75 -2.58 -4.17
C SER A 155 14.47 -2.47 -5.01
N SER A 156 13.72 -3.56 -5.13
CA SER A 156 12.49 -3.53 -5.93
C SER A 156 11.50 -2.50 -5.35
N ILE A 157 11.33 -2.47 -4.02
CA ILE A 157 10.44 -1.53 -3.34
C ILE A 157 10.93 -0.07 -3.56
N PHE A 158 12.22 0.15 -3.36
CA PHE A 158 12.82 1.47 -3.53
C PHE A 158 12.70 1.99 -5.00
N ASP A 159 12.92 1.10 -5.97
CA ASP A 159 12.78 1.43 -7.40
C ASP A 159 11.34 1.74 -7.72
N PHE A 160 10.42 0.95 -7.15
CA PHE A 160 9.00 1.16 -7.35
C PHE A 160 8.57 2.55 -6.86
N SER A 161 9.02 2.94 -5.66
CA SER A 161 8.69 4.26 -5.13
C SER A 161 9.32 5.37 -5.96
N HIS A 162 10.53 5.13 -6.49
CA HIS A 162 11.24 6.07 -7.35
C HIS A 162 10.48 6.32 -8.62
N SER A 163 9.92 5.25 -9.21
CA SER A 163 9.12 5.31 -10.41
C SER A 163 7.83 6.08 -10.15
N LEU A 164 7.16 5.87 -9.01
CA LEU A 164 5.93 6.60 -8.68
C LEU A 164 6.20 8.07 -8.37
N SER A 165 7.37 8.37 -7.81
CA SER A 165 7.74 9.75 -7.47
C SER A 165 7.90 10.60 -8.74
N ALA A 166 8.33 9.99 -9.86
CA ALA A 166 8.47 10.68 -11.14
C ALA A 166 7.11 11.11 -11.73
N LEU A 167 6.00 10.51 -11.27
CA LEU A 167 4.68 10.88 -11.72
C LEU A 167 4.14 12.14 -11.02
N HIS A 168 4.75 12.57 -9.90
CA HIS A 168 4.31 13.76 -9.13
C HIS A 168 2.82 13.72 -8.78
N PHE A 169 2.39 12.62 -8.20
CA PHE A 169 1.01 12.40 -7.83
C PHE A 169 0.49 13.47 -6.89
N SER A 170 -0.76 13.84 -7.05
CA SER A 170 -1.43 14.69 -6.08
C SER A 170 -2.06 13.69 -5.06
N GLU A 171 -2.51 14.18 -3.91
CA GLU A 171 -3.17 13.31 -2.92
C GLU A 171 -4.45 12.70 -3.51
N ASP A 172 -5.18 13.51 -4.32
CA ASP A 172 -6.39 13.07 -4.98
C ASP A 172 -6.10 11.96 -5.99
N GLU A 173 -4.97 12.05 -6.69
CA GLU A 173 -4.61 11.01 -7.67
C GLU A 173 -4.33 9.71 -6.99
N ILE A 174 -3.62 9.74 -5.82
CA ILE A 174 -3.31 8.56 -5.04
C ILE A 174 -4.58 7.96 -4.48
N ALA A 175 -5.51 8.79 -4.00
CA ALA A 175 -6.79 8.31 -3.50
C ALA A 175 -7.55 7.50 -4.57
N LEU A 176 -7.69 8.07 -5.78
CA LEU A 176 -8.39 7.42 -6.87
C LEU A 176 -7.67 6.19 -7.42
N TYR A 177 -6.34 6.28 -7.58
CA TYR A 177 -5.56 5.15 -8.08
C TYR A 177 -5.54 3.98 -7.06
N THR A 178 -5.39 4.26 -5.75
CA THR A 178 -5.43 3.20 -4.71
C THR A 178 -6.80 2.56 -4.55
N ALA A 179 -7.89 3.32 -4.81
CA ALA A 179 -9.23 2.72 -4.78
C ALA A 179 -9.36 1.67 -5.91
N LEU A 180 -8.74 1.95 -7.06
CA LEU A 180 -8.72 1.04 -8.18
C LEU A 180 -7.78 -0.14 -7.99
N VAL A 181 -6.64 0.03 -7.30
CA VAL A 181 -5.73 -1.07 -7.00
C VAL A 181 -6.51 -2.12 -6.15
N LEU A 182 -7.26 -1.64 -5.16
CA LEU A 182 -8.05 -2.47 -4.29
C LEU A 182 -9.31 -3.09 -4.98
N ILE A 183 -10.10 -2.28 -5.71
CA ILE A 183 -11.32 -2.80 -6.34
C ILE A 183 -10.99 -3.36 -7.71
N ASN A 184 -10.51 -4.59 -7.71
CA ASN A 184 -10.04 -5.30 -8.90
C ASN A 184 -10.96 -6.48 -9.10
N ALA A 185 -11.77 -6.46 -10.18
CA ALA A 185 -12.73 -7.54 -10.47
C ALA A 185 -12.10 -8.83 -11.01
N HIS A 186 -10.82 -8.80 -11.34
CA HIS A 186 -10.12 -9.98 -11.81
C HIS A 186 -9.46 -10.77 -10.68
N ARG A 187 -9.68 -10.42 -9.39
CA ARG A 187 -9.07 -11.19 -8.30
C ARG A 187 -9.68 -12.59 -8.24
N PRO A 188 -8.84 -13.65 -8.21
CA PRO A 188 -9.40 -15.01 -8.08
C PRO A 188 -10.09 -15.15 -6.73
N GLY A 189 -11.25 -15.76 -6.71
CA GLY A 189 -11.96 -16.01 -5.46
C GLY A 189 -13.26 -15.26 -5.28
N LEU A 190 -13.51 -14.30 -6.16
CA LEU A 190 -14.69 -13.47 -6.11
C LEU A 190 -15.92 -14.23 -6.46
N GLN A 191 -16.95 -14.08 -5.65
CA GLN A 191 -18.23 -14.74 -5.84
C GLN A 191 -19.23 -13.87 -6.60
N GLU A 192 -19.17 -12.54 -6.43
CA GLU A 192 -20.03 -11.63 -7.17
C GLU A 192 -19.14 -10.76 -8.05
N LYS A 193 -18.51 -11.39 -9.04
CA LYS A 193 -17.60 -10.79 -10.01
C LYS A 193 -18.19 -9.57 -10.73
N ARG A 194 -19.48 -9.62 -11.13
CA ARG A 194 -20.15 -8.52 -11.83
C ARG A 194 -20.32 -7.32 -10.96
N LYS A 195 -20.63 -7.53 -9.65
CA LYS A 195 -20.79 -6.41 -8.72
C LYS A 195 -19.45 -5.69 -8.50
N VAL A 196 -18.34 -6.46 -8.41
CA VAL A 196 -17.02 -5.84 -8.29
C VAL A 196 -16.68 -5.13 -9.61
N GLU A 197 -16.99 -5.75 -10.77
CA GLU A 197 -16.79 -5.17 -12.10
C GLU A 197 -17.48 -3.78 -12.24
N GLN A 198 -18.72 -3.68 -11.77
CA GLN A 198 -19.48 -2.44 -11.87
C GLN A 198 -18.84 -1.37 -11.01
N LEU A 199 -18.45 -1.72 -9.78
CA LEU A 199 -17.78 -0.81 -8.85
C LEU A 199 -16.44 -0.35 -9.41
N GLN A 200 -15.68 -1.27 -9.98
CA GLN A 200 -14.42 -0.98 -10.63
C GLN A 200 -14.62 0.00 -11.82
N TYR A 201 -15.64 -0.23 -12.63
CA TYR A 201 -15.90 0.61 -13.78
C TYR A 201 -16.23 2.04 -13.36
N ASN A 202 -17.04 2.19 -12.30
CA ASN A 202 -17.38 3.51 -11.75
C ASN A 202 -16.16 4.27 -11.23
N LEU A 203 -15.28 3.58 -10.50
CA LEU A 203 -14.04 4.19 -10.01
C LEU A 203 -13.08 4.51 -11.17
N GLU A 204 -13.05 3.68 -12.21
CA GLU A 204 -12.18 3.92 -13.36
C GLU A 204 -12.65 5.20 -14.08
N LEU A 205 -13.97 5.35 -14.25
CA LEU A 205 -14.58 6.52 -14.85
C LEU A 205 -14.22 7.77 -14.02
N ALA A 206 -14.34 7.67 -12.69
CA ALA A 206 -14.04 8.77 -11.78
C ALA A 206 -12.55 9.15 -11.80
N PHE A 207 -11.66 8.14 -11.86
CA PHE A 207 -10.22 8.41 -11.97
C PHE A 207 -9.94 9.13 -13.30
N HIS A 208 -10.43 8.56 -14.43
CA HIS A 208 -10.19 9.19 -15.73
C HIS A 208 -10.89 10.56 -15.87
N HIS A 209 -12.07 10.75 -15.27
CA HIS A 209 -12.76 12.02 -15.31
C HIS A 209 -11.92 13.09 -14.59
N HIS A 210 -11.42 12.74 -13.41
CA HIS A 210 -10.55 13.62 -12.65
C HIS A 210 -9.26 13.94 -13.42
N LEU A 211 -8.63 12.95 -14.05
CA LEU A 211 -7.42 13.21 -14.85
C LEU A 211 -7.70 14.13 -16.04
N CYS A 212 -8.83 13.95 -16.69
CA CYS A 212 -9.20 14.76 -17.85
C CYS A 212 -9.46 16.23 -17.39
N LYS A 213 -10.18 16.41 -16.28
CA LYS A 213 -10.50 17.74 -15.74
C LYS A 213 -9.25 18.50 -15.31
N THR A 214 -8.24 17.80 -14.77
CA THR A 214 -7.01 18.41 -14.30
C THR A 214 -5.86 18.40 -15.33
N HIS A 215 -6.12 17.92 -16.55
CA HIS A 215 -5.13 17.85 -17.64
C HIS A 215 -3.94 17.01 -17.23
N ARG A 216 -4.25 15.84 -16.65
CA ARG A 216 -3.26 14.89 -16.17
C ARG A 216 -3.38 13.50 -16.81
N GLN A 217 -4.11 13.38 -17.96
CA GLN A 217 -4.22 12.09 -18.67
C GLN A 217 -2.87 11.57 -19.21
N SER A 218 -1.83 12.42 -19.20
CA SER A 218 -0.51 11.99 -19.64
C SER A 218 0.07 10.90 -18.70
N ILE A 219 -0.41 10.79 -17.45
CA ILE A 219 0.11 9.78 -16.52
C ILE A 219 -0.40 8.39 -16.77
N LEU A 220 -1.49 8.22 -17.52
CA LEU A 220 -2.05 6.89 -17.75
C LEU A 220 -1.05 5.90 -18.32
N ALA A 221 -0.30 6.33 -19.34
CA ALA A 221 0.72 5.55 -20.02
C ALA A 221 1.92 5.23 -19.11
N LYS A 222 2.19 6.10 -18.12
CA LYS A 222 3.29 6.01 -17.19
C LYS A 222 3.00 5.21 -15.92
N LEU A 223 1.72 4.90 -15.63
CA LEU A 223 1.35 4.11 -14.44
C LEU A 223 1.95 2.73 -14.55
N PRO A 224 2.46 2.19 -13.46
CA PRO A 224 3.10 0.86 -13.53
C PRO A 224 2.17 -0.23 -14.06
N PRO A 225 2.72 -1.21 -14.80
CA PRO A 225 1.87 -2.35 -15.21
C PRO A 225 1.38 -3.13 -13.97
N LYS A 226 0.19 -3.77 -14.06
CA LYS A 226 -0.41 -4.55 -12.97
C LYS A 226 0.47 -5.70 -12.45
N GLY A 227 1.32 -6.23 -13.34
CA GLY A 227 2.25 -7.30 -12.99
C GLY A 227 3.41 -6.83 -12.11
N LYS A 228 3.65 -5.51 -12.06
CA LYS A 228 4.72 -4.98 -11.21
C LYS A 228 4.30 -5.05 -9.73
N LEU A 229 3.03 -4.75 -9.44
CA LEU A 229 2.51 -4.82 -8.08
C LEU A 229 2.41 -6.27 -7.61
N ARG A 230 2.09 -7.19 -8.53
CA ARG A 230 1.99 -8.62 -8.29
C ARG A 230 3.40 -9.20 -8.02
N SER A 231 4.41 -8.74 -8.77
CA SER A 231 5.78 -9.21 -8.59
C SER A 231 6.33 -8.81 -7.20
N LEU A 232 6.09 -7.57 -6.75
CA LEU A 232 6.51 -7.09 -5.44
C LEU A 232 5.87 -7.90 -4.30
N CYS A 233 4.57 -8.17 -4.41
CA CYS A 233 3.84 -8.98 -3.44
C CYS A 233 4.33 -10.38 -3.42
N SER A 234 4.66 -10.95 -4.60
CA SER A 234 5.20 -12.29 -4.69
C SER A 234 6.55 -12.39 -4.04
N GLN A 235 7.47 -11.45 -4.33
CA GLN A 235 8.80 -11.41 -3.71
C GLN A 235 8.67 -11.32 -2.20
N HIS A 236 7.70 -10.54 -1.69
CA HIS A 236 7.47 -10.43 -0.26
C HIS A 236 7.12 -11.80 0.33
N VAL A 237 6.14 -12.49 -0.26
CA VAL A 237 5.69 -13.78 0.23
C VAL A 237 6.82 -14.82 0.15
N GLU A 238 7.67 -14.76 -0.90
CA GLU A 238 8.80 -15.66 -1.07
C GLU A 238 9.87 -15.43 -0.01
N ARG A 239 10.25 -14.15 0.20
CA ARG A 239 11.24 -13.84 1.23
C ARG A 239 10.72 -14.15 2.63
N LEU A 240 9.38 -14.11 2.86
CA LEU A 240 8.79 -14.45 4.12
C LEU A 240 8.90 -15.96 4.34
N GLN A 241 8.64 -16.78 3.31
CA GLN A 241 8.75 -18.23 3.46
C GLN A 241 10.21 -18.62 3.80
N ILE A 242 11.20 -17.91 3.24
CA ILE A 242 12.61 -18.15 3.54
C ILE A 242 12.88 -17.80 4.99
N PHE A 243 12.48 -16.59 5.43
CA PHE A 243 12.68 -16.18 6.80
C PHE A 243 11.98 -17.09 7.82
N GLN A 244 10.71 -17.48 7.55
CA GLN A 244 9.92 -18.32 8.45
C GLN A 244 10.53 -19.71 8.58
N HIS A 245 11.06 -20.26 7.49
CA HIS A 245 11.70 -21.57 7.50
C HIS A 245 12.92 -21.55 8.47
N LEU A 246 13.63 -20.42 8.55
CA LEU A 246 14.78 -20.28 9.44
C LEU A 246 14.43 -19.83 10.86
N HIS A 247 13.28 -19.18 11.04
CA HIS A 247 12.85 -18.69 12.36
C HIS A 247 11.34 -18.93 12.58
N PRO A 248 10.85 -20.20 12.54
CA PRO A 248 9.41 -20.42 12.69
C PRO A 248 8.82 -19.97 14.02
N ILE A 249 9.60 -20.01 15.12
CA ILE A 249 9.06 -19.57 16.41
C ILE A 249 9.03 -18.05 16.49
N VAL A 250 9.94 -17.35 15.79
CA VAL A 250 9.91 -15.89 15.77
C VAL A 250 8.63 -15.39 15.11
N VAL A 251 8.24 -15.99 13.99
CA VAL A 251 7.02 -15.60 13.27
C VAL A 251 5.79 -15.89 14.14
N GLN A 252 5.77 -17.08 14.73
CA GLN A 252 4.71 -17.57 15.61
C GLN A 252 4.52 -16.71 16.87
N ALA A 253 5.60 -16.32 17.53
CA ALA A 253 5.55 -15.55 18.77
C ALA A 253 5.57 -14.00 18.67
N ALA A 254 6.26 -13.45 17.66
CA ALA A 254 6.47 -12.00 17.62
C ALA A 254 5.94 -11.29 16.38
N PHE A 255 5.39 -12.01 15.38
CA PHE A 255 4.82 -11.33 14.22
C PHE A 255 3.34 -11.03 14.48
N PRO A 256 2.86 -9.89 13.98
CA PRO A 256 1.46 -9.54 14.20
C PRO A 256 0.51 -10.58 13.60
N PRO A 257 -0.58 -10.90 14.31
CA PRO A 257 -1.55 -11.86 13.77
C PRO A 257 -2.08 -11.49 12.38
N LEU A 258 -2.39 -10.21 12.13
CA LEU A 258 -2.91 -9.76 10.85
C LEU A 258 -1.89 -9.98 9.73
N TYR A 259 -0.60 -9.80 10.02
CA TYR A 259 0.45 -10.04 9.06
C TYR A 259 0.46 -11.52 8.66
N LYS A 260 0.47 -12.42 9.65
CA LYS A 260 0.45 -13.86 9.42
C LYS A 260 -0.78 -14.30 8.61
N GLU A 261 -1.97 -13.75 8.94
CA GLU A 261 -3.18 -14.07 8.17
C GLU A 261 -3.00 -13.68 6.67
N LEU A 262 -2.54 -12.45 6.41
CA LEU A 262 -2.36 -11.99 5.04
C LEU A 262 -1.25 -12.65 4.24
N PHE A 263 -0.08 -12.89 4.86
CA PHE A 263 1.10 -13.32 4.10
C PHE A 263 1.68 -14.69 4.42
N SER A 264 1.39 -15.29 5.57
CA SER A 264 2.02 -16.58 5.92
C SER A 264 1.36 -17.80 5.25
N LYS A 277 -8.68 -14.83 12.48
CA LYS A 277 -9.56 -14.17 11.49
C LYS A 277 -9.74 -12.69 11.82
N ILE A 278 -8.62 -11.96 11.80
CA ILE A 278 -8.48 -10.53 12.12
C ILE A 278 -9.25 -9.69 11.14
N LEU A 279 -9.13 -9.99 9.84
CA LEU A 279 -9.84 -9.25 8.79
C LEU A 279 -11.35 -9.21 9.04
N HIS A 280 -11.91 -10.35 9.41
CA HIS A 280 -13.34 -10.49 9.69
C HIS A 280 -13.78 -9.59 10.86
N ARG A 281 -12.95 -9.46 11.90
CA ARG A 281 -13.20 -8.62 13.07
C ARG A 281 -13.05 -7.15 12.71
N LEU A 282 -11.99 -6.79 11.95
CA LEU A 282 -11.77 -5.41 11.50
C LEU A 282 -12.92 -4.94 10.61
N LEU A 283 -13.46 -5.83 9.76
CA LEU A 283 -14.57 -5.50 8.86
C LEU A 283 -15.92 -5.40 9.57
N GLN A 284 -16.08 -6.08 10.72
CA GLN A 284 -17.31 -6.06 11.51
C GLN A 284 -17.45 -4.72 12.25
N GLU A 285 -16.35 -4.23 12.86
CA GLU A 285 -16.32 -2.98 13.60
C GLU A 285 -16.82 -1.78 12.77
#